data_4R0B
#
_entry.id   4R0B
#
_cell.length_a   57.003
_cell.length_b   57.003
_cell.length_c   198.641
_cell.angle_alpha   90.000
_cell.angle_beta   90.000
_cell.angle_gamma   120.000
#
_symmetry.space_group_name_H-M   'P 61 2 2'
#
loop_
_entity.id
_entity.type
_entity.pdbx_description
1 polymer Glycodelin
2 water water
#
_entity_poly.entity_id   1
_entity_poly.type   'polypeptide(L)'
_entity_poly.pdbx_seq_one_letter_code
;DIPQTKQDLELPKLAGTWHSMAMATNEISLMATLKAPLRVHITSLLPTPEDNLEIVLHRWENNSCVEKKVLGEKTENPKK
FKINYTVANEATLLDTDYDNFLFLCLQDTTTPIQSMMCQYLARVLVEDDEIMQGFIRAFRPLPRHLWYLLDLKQMEEPCR
GSAHHHHHH
;
_entity_poly.pdbx_strand_id   A
#
# COMPACT_ATOMS: atom_id res chain seq x y z
N GLN A 7 8.95 8.38 16.31
CA GLN A 7 7.66 7.71 15.97
C GLN A 7 7.71 6.20 16.23
N ASP A 8 7.43 5.79 17.48
CA ASP A 8 7.07 4.40 17.75
C ASP A 8 5.65 4.21 17.24
N LEU A 9 5.44 3.18 16.43
CA LEU A 9 4.19 3.04 15.68
C LEU A 9 3.01 2.69 16.58
N GLU A 10 2.02 3.58 16.64
CA GLU A 10 0.76 3.33 17.36
C GLU A 10 -0.27 2.79 16.39
N LEU A 11 -0.37 1.48 16.34
CA LEU A 11 -1.18 0.76 15.37
C LEU A 11 -2.66 1.16 15.38
N PRO A 12 -3.28 1.26 16.57
CA PRO A 12 -4.70 1.67 16.59
C PRO A 12 -5.00 2.96 15.86
N LYS A 13 -4.06 3.89 15.85
CA LYS A 13 -4.25 5.19 15.19
C LYS A 13 -4.32 5.13 13.65
N LEU A 14 -3.99 3.98 13.07
CA LEU A 14 -4.12 3.76 11.64
C LEU A 14 -5.49 3.17 11.28
N ALA A 15 -6.27 2.78 12.27
CA ALA A 15 -7.53 2.13 12.00
C ALA A 15 -8.41 3.00 11.14
N GLY A 16 -9.23 2.36 10.31
CA GLY A 16 -10.30 3.03 9.60
C GLY A 16 -10.05 3.19 8.13
N THR A 17 -10.77 4.16 7.56
CA THR A 17 -10.85 4.34 6.12
C THR A 17 -9.64 5.08 5.56
N TRP A 18 -9.22 4.63 4.38
CA TRP A 18 -8.11 5.23 3.65
C TRP A 18 -8.47 5.28 2.16
N HIS A 19 -7.85 6.22 1.45
CA HIS A 19 -8.06 6.41 0.02
C HIS A 19 -6.71 6.47 -0.68
N SER A 20 -6.56 5.72 -1.77
CA SER A 20 -5.31 5.69 -2.50
C SER A 20 -5.22 6.94 -3.35
N MET A 21 -4.10 7.63 -3.24
CA MET A 21 -3.82 8.86 -4.03
C MET A 21 -2.81 8.61 -5.14
N ALA A 22 -1.86 7.71 -4.89
CA ALA A 22 -0.86 7.33 -5.88
C ALA A 22 -0.31 5.96 -5.57
N MET A 23 0.34 5.35 -6.56
CA MET A 23 0.96 4.04 -6.39
C MET A 23 2.30 4.02 -7.10
N ALA A 24 3.27 3.33 -6.52
CA ALA A 24 4.57 3.22 -7.14
C ALA A 24 5.05 1.79 -7.13
N THR A 25 5.82 1.43 -8.16
CA THR A 25 6.43 0.13 -8.23
C THR A 25 7.79 0.18 -8.90
N ASN A 26 8.63 -0.80 -8.58
CA ASN A 26 9.90 -1.02 -9.25
C ASN A 26 9.81 -2.12 -10.31
N GLU A 27 8.60 -2.65 -10.52
CA GLU A 27 8.33 -3.56 -11.63
C GLU A 27 6.98 -3.17 -12.23
N ILE A 28 7.03 -2.51 -13.37
CA ILE A 28 5.84 -1.92 -13.98
C ILE A 28 4.73 -2.96 -14.18
N SER A 29 5.10 -4.20 -14.51
CA SER A 29 4.13 -5.28 -14.78
C SER A 29 3.27 -5.70 -13.59
N LEU A 30 3.74 -5.42 -12.38
CA LEU A 30 2.95 -5.66 -11.17
C LEU A 30 1.74 -4.73 -11.05
N MET A 31 1.70 -3.70 -11.88
CA MET A 31 0.79 -2.59 -11.68
C MET A 31 0.16 -2.04 -12.95
N ALA A 32 0.73 -2.35 -14.12
CA ALA A 32 0.39 -1.67 -15.38
C ALA A 32 -1.05 -1.84 -15.85
N THR A 33 -1.60 -3.05 -15.68
CA THR A 33 -2.98 -3.33 -16.08
C THR A 33 -3.89 -3.54 -14.87
N LEU A 34 -5.19 -3.55 -15.14
CA LEU A 34 -6.18 -3.85 -14.11
C LEU A 34 -6.06 -5.29 -13.61
N LYS A 35 -5.63 -6.20 -14.49
CA LYS A 35 -5.39 -7.60 -14.13
C LYS A 35 -4.11 -7.80 -13.30
N ALA A 36 -3.22 -6.80 -13.30
CA ALA A 36 -1.91 -6.95 -12.66
C ALA A 36 -1.99 -7.32 -11.16
N PRO A 37 -1.02 -8.12 -10.67
CA PRO A 37 -1.14 -8.64 -9.32
C PRO A 37 -1.38 -7.59 -8.24
N LEU A 38 -0.65 -6.48 -8.29
CA LEU A 38 -0.71 -5.46 -7.25
C LEU A 38 -1.36 -4.16 -7.72
N ARG A 39 -2.15 -4.24 -8.79
CA ARG A 39 -3.07 -3.15 -9.11
C ARG A 39 -4.28 -3.26 -8.19
N VAL A 40 -4.09 -2.79 -6.95
CA VAL A 40 -5.11 -2.83 -5.90
C VAL A 40 -5.22 -1.48 -5.18
N HIS A 41 -6.36 -1.26 -4.53
CA HIS A 41 -6.62 -0.04 -3.79
C HIS A 41 -7.03 -0.38 -2.37
N ILE A 42 -6.17 -0.03 -1.41
CA ILE A 42 -6.47 -0.26 -0.01
C ILE A 42 -7.50 0.76 0.46
N THR A 43 -8.60 0.25 1.04
CA THR A 43 -9.75 1.05 1.45
C THR A 43 -9.92 1.15 2.97
N SER A 44 -9.40 0.17 3.72
CA SER A 44 -9.32 0.32 5.17
C SER A 44 -8.31 -0.59 5.84
N LEU A 45 -7.88 -0.19 7.03
CA LEU A 45 -7.01 -1.00 7.87
C LEU A 45 -7.78 -1.22 9.16
N LEU A 46 -7.69 -2.43 9.69
CA LEU A 46 -8.33 -2.77 10.95
C LEU A 46 -7.36 -3.56 11.83
N PRO A 47 -6.58 -2.85 12.66
CA PRO A 47 -5.66 -3.53 13.59
C PRO A 47 -6.42 -4.44 14.55
N THR A 48 -5.89 -5.61 14.86
CA THR A 48 -6.57 -6.55 15.75
C THR A 48 -6.06 -6.35 17.17
N PRO A 49 -6.78 -6.91 18.17
CA PRO A 49 -6.33 -6.86 19.56
C PRO A 49 -4.99 -7.57 19.84
N GLU A 50 -4.62 -8.53 18.97
CA GLU A 50 -3.33 -9.21 19.05
C GLU A 50 -2.21 -8.42 18.31
N ASP A 51 -2.54 -7.23 17.82
CA ASP A 51 -1.63 -6.37 17.05
C ASP A 51 -1.25 -6.96 15.69
N ASN A 52 -2.13 -7.79 15.16
CA ASN A 52 -2.11 -8.15 13.75
C ASN A 52 -2.85 -7.07 12.99
N LEU A 53 -2.83 -7.15 11.66
CA LEU A 53 -3.43 -6.13 10.82
C LEU A 53 -4.33 -6.74 9.76
N GLU A 54 -5.57 -6.28 9.72
CA GLU A 54 -6.48 -6.61 8.62
C GLU A 54 -6.47 -5.48 7.58
N ILE A 55 -6.08 -5.84 6.37
CA ILE A 55 -6.12 -4.93 5.23
C ILE A 55 -7.32 -5.27 4.36
N VAL A 56 -8.10 -4.24 4.00
CA VAL A 56 -9.20 -4.41 3.08
C VAL A 56 -8.82 -3.66 1.83
N LEU A 57 -9.04 -4.28 0.67
CA LEU A 57 -8.67 -3.65 -0.57
C LEU A 57 -9.70 -3.90 -1.62
N HIS A 58 -9.61 -3.12 -2.70
CA HIS A 58 -10.55 -3.19 -3.79
C HIS A 58 -9.74 -3.33 -5.05
N ARG A 59 -10.25 -4.10 -5.99
CA ARG A 59 -9.57 -4.29 -7.25
C ARG A 59 -10.56 -4.73 -8.30
N TRP A 60 -10.08 -4.77 -9.55
CA TRP A 60 -10.84 -5.27 -10.69
C TRP A 60 -10.46 -6.73 -10.87
N GLU A 61 -11.46 -7.57 -11.14
CA GLU A 61 -11.28 -9.01 -11.18
C GLU A 61 -12.48 -9.64 -11.84
N ASN A 62 -12.24 -10.31 -12.97
CA ASN A 62 -13.32 -10.92 -13.78
C ASN A 62 -14.38 -9.91 -14.22
N ASN A 63 -13.94 -8.76 -14.71
CA ASN A 63 -14.83 -7.75 -15.29
C ASN A 63 -15.80 -7.11 -14.30
N SER A 64 -15.33 -6.89 -13.06
CA SER A 64 -16.09 -6.13 -12.06
C SER A 64 -15.22 -5.74 -10.87
N CYS A 65 -15.68 -4.73 -10.12
CA CYS A 65 -15.03 -4.29 -8.89
C CYS A 65 -15.31 -5.28 -7.75
N VAL A 66 -14.26 -5.78 -7.08
CA VAL A 66 -14.43 -6.72 -5.96
C VAL A 66 -13.60 -6.32 -4.74
N GLU A 67 -14.05 -6.77 -3.57
CA GLU A 67 -13.42 -6.43 -2.30
C GLU A 67 -12.69 -7.63 -1.73
N LYS A 68 -11.48 -7.41 -1.23
CA LYS A 68 -10.65 -8.48 -0.70
C LYS A 68 -10.17 -8.15 0.69
N LYS A 69 -10.03 -9.17 1.51
CA LYS A 69 -9.48 -9.05 2.84
C LYS A 69 -8.11 -9.73 2.83
N VAL A 70 -7.12 -9.10 3.43
CA VAL A 70 -5.76 -9.63 3.52
C VAL A 70 -5.31 -9.50 4.96
N LEU A 71 -5.05 -10.62 5.62
CA LEU A 71 -4.63 -10.62 7.02
C LEU A 71 -3.12 -10.57 7.11
N GLY A 72 -2.61 -9.81 8.08
CA GLY A 72 -1.16 -9.71 8.27
C GLY A 72 -0.75 -10.10 9.66
N GLU A 73 0.13 -11.09 9.82
CA GLU A 73 0.60 -11.43 11.16
C GLU A 73 1.77 -10.54 11.56
N LYS A 74 1.74 -10.12 12.82
CA LYS A 74 2.79 -9.26 13.36
C LYS A 74 4.15 -9.93 13.28
N THR A 75 5.19 -9.10 13.21
CA THR A 75 6.56 -9.59 13.27
C THR A 75 7.25 -8.88 14.42
N GLU A 76 8.53 -9.19 14.63
CA GLU A 76 9.35 -8.48 15.61
C GLU A 76 9.40 -6.98 15.28
N ASN A 77 9.28 -6.64 13.99
CA ASN A 77 9.20 -5.26 13.54
C ASN A 77 7.73 -4.79 13.49
N PRO A 78 7.39 -3.72 14.26
CA PRO A 78 6.00 -3.26 14.31
C PRO A 78 5.49 -2.59 13.03
N LYS A 79 6.37 -2.35 12.08
CA LYS A 79 5.96 -1.84 10.78
C LYS A 79 5.73 -2.94 9.73
N LYS A 80 6.19 -4.16 10.02
CA LYS A 80 6.14 -5.26 9.06
C LYS A 80 5.21 -6.39 9.47
N PHE A 81 4.45 -6.86 8.49
CA PHE A 81 3.49 -7.96 8.69
C PHE A 81 3.66 -8.99 7.61
N LYS A 82 3.58 -10.26 7.99
CA LYS A 82 3.64 -11.35 7.04
C LYS A 82 2.25 -11.49 6.41
N ILE A 83 2.19 -11.59 5.09
CA ILE A 83 0.94 -11.76 4.36
C ILE A 83 1.06 -12.78 3.24
N ASN A 84 -0.06 -13.02 2.57
CA ASN A 84 -0.09 -13.84 1.36
C ASN A 84 -1.09 -13.26 0.38
N TYR A 85 -0.63 -12.39 -0.52
CA TYR A 85 -1.49 -11.83 -1.54
C TYR A 85 -0.78 -11.76 -2.90
N THR A 86 -1.27 -12.53 -3.86
CA THR A 86 -0.60 -12.74 -5.13
C THR A 86 0.90 -13.00 -4.89
N VAL A 87 1.77 -12.11 -5.37
CA VAL A 87 3.23 -12.30 -5.27
C VAL A 87 3.83 -11.77 -3.97
N ALA A 88 3.07 -10.98 -3.21
CA ALA A 88 3.57 -10.36 -1.98
C ALA A 88 3.48 -11.29 -0.78
N ASN A 89 4.57 -11.37 -0.02
CA ASN A 89 4.60 -12.11 1.25
C ASN A 89 4.82 -11.21 2.48
N GLU A 90 4.78 -9.90 2.28
CA GLU A 90 5.02 -8.97 3.38
C GLU A 90 4.40 -7.61 3.08
N ALA A 91 3.83 -7.00 4.11
CA ALA A 91 3.32 -5.63 4.01
C ALA A 91 4.12 -4.77 4.97
N THR A 92 4.38 -3.53 4.56
CA THR A 92 5.17 -2.62 5.35
C THR A 92 4.41 -1.31 5.51
N LEU A 93 4.30 -0.86 6.75
CA LEU A 93 3.83 0.49 7.06
C LEU A 93 5.07 1.38 7.07
N LEU A 94 5.32 2.03 5.93
CA LEU A 94 6.59 2.71 5.70
C LEU A 94 6.68 4.03 6.46
N ASP A 95 5.62 4.82 6.42
CA ASP A 95 5.56 6.11 7.10
C ASP A 95 4.11 6.56 7.19
N THR A 96 3.83 7.42 8.17
CA THR A 96 2.47 7.92 8.42
C THR A 96 2.51 9.08 9.42
N ASP A 97 1.52 9.97 9.31
CA ASP A 97 1.18 10.92 10.39
C ASP A 97 -0.21 10.63 10.97
N TYR A 98 -0.79 9.49 10.61
CA TYR A 98 -2.08 9.01 11.12
C TYR A 98 -3.32 9.75 10.62
N ASP A 99 -3.33 11.08 10.72
CA ASP A 99 -4.51 11.87 10.39
C ASP A 99 -4.62 12.27 8.92
N ASN A 100 -3.54 12.13 8.17
CA ASN A 100 -3.52 12.56 6.77
C ASN A 100 -3.02 11.52 5.79
N PHE A 101 -1.86 10.92 6.07
CA PHE A 101 -1.23 9.99 5.13
C PHE A 101 -0.68 8.72 5.74
N LEU A 102 -0.53 7.70 4.88
CA LEU A 102 0.12 6.45 5.21
C LEU A 102 0.72 5.89 3.92
N PHE A 103 2.01 5.56 3.96
CA PHE A 103 2.68 4.90 2.84
C PHE A 103 2.78 3.43 3.19
N LEU A 104 2.04 2.60 2.44
CA LEU A 104 1.98 1.16 2.68
C LEU A 104 2.47 0.35 1.48
N CYS A 105 3.46 -0.51 1.71
CA CYS A 105 4.08 -1.29 0.66
C CYS A 105 3.66 -2.76 0.73
N LEU A 106 3.40 -3.36 -0.43
CA LEU A 106 3.24 -4.80 -0.56
C LEU A 106 4.48 -5.31 -1.29
N GLN A 107 5.19 -6.25 -0.69
CA GLN A 107 6.50 -6.67 -1.18
C GLN A 107 6.65 -8.18 -1.32
N ASP A 108 7.41 -8.59 -2.34
CA ASP A 108 7.87 -9.98 -2.47
C ASP A 108 9.33 -10.02 -2.02
N THR A 109 9.55 -10.53 -0.81
CA THR A 109 10.90 -10.62 -0.22
C THR A 109 11.69 -11.84 -0.70
N THR A 110 11.05 -12.76 -1.43
CA THR A 110 11.66 -14.04 -1.81
C THR A 110 12.76 -13.92 -2.88
N THR A 111 12.64 -12.92 -3.74
CA THR A 111 13.64 -12.64 -4.78
C THR A 111 14.86 -11.93 -4.19
N PRO A 112 16.00 -11.97 -4.90
CA PRO A 112 17.15 -11.15 -4.52
C PRO A 112 16.84 -9.65 -4.62
N ILE A 113 16.37 -9.20 -5.79
CA ILE A 113 15.84 -7.85 -5.94
C ILE A 113 14.38 -7.86 -5.51
N GLN A 114 14.08 -7.19 -4.40
CA GLN A 114 12.74 -7.22 -3.82
C GLN A 114 11.73 -6.46 -4.70
N SER A 115 10.79 -7.19 -5.29
CA SER A 115 9.68 -6.59 -6.02
C SER A 115 8.62 -6.04 -5.07
N MET A 116 7.97 -4.96 -5.48
CA MET A 116 7.34 -4.08 -4.53
C MET A 116 6.38 -3.08 -5.16
N MET A 117 5.22 -2.92 -4.52
CA MET A 117 4.27 -1.85 -4.83
C MET A 117 3.97 -1.11 -3.54
N CYS A 118 4.15 0.21 -3.55
CA CYS A 118 3.81 1.07 -2.41
C CYS A 118 2.70 2.01 -2.78
N GLN A 119 1.83 2.27 -1.82
CA GLN A 119 0.65 3.08 -2.05
C GLN A 119 0.63 4.25 -1.09
N TYR A 120 0.40 5.43 -1.66
CA TYR A 120 0.19 6.66 -0.92
C TYR A 120 -1.29 6.70 -0.58
N LEU A 121 -1.59 6.37 0.68
CA LEU A 121 -2.94 6.40 1.19
C LEU A 121 -3.21 7.70 1.96
N ALA A 122 -4.45 8.18 1.89
CA ALA A 122 -4.86 9.41 2.55
C ALA A 122 -6.22 9.29 3.24
N ARG A 123 -6.41 10.04 4.32
CA ARG A 123 -7.66 9.98 5.07
C ARG A 123 -8.81 10.65 4.31
N VAL A 124 -8.47 11.75 3.62
CA VAL A 124 -9.43 12.46 2.78
C VAL A 124 -8.78 12.75 1.43
N LEU A 125 -9.62 13.05 0.44
CA LEU A 125 -9.16 13.29 -0.95
C LEU A 125 -8.65 14.71 -1.14
N VAL A 126 -7.42 14.94 -0.69
CA VAL A 126 -6.79 16.26 -0.73
C VAL A 126 -5.37 16.14 -1.24
N GLU A 127 -5.11 16.77 -2.39
CA GLU A 127 -3.76 16.75 -2.95
C GLU A 127 -2.88 17.66 -2.12
N ASP A 128 -1.72 17.12 -1.75
CA ASP A 128 -0.75 17.82 -0.94
C ASP A 128 0.65 17.63 -1.54
N ASP A 129 1.27 18.75 -1.91
CA ASP A 129 2.60 18.76 -2.52
C ASP A 129 3.68 18.20 -1.61
N GLU A 130 3.63 18.55 -0.33
CA GLU A 130 4.66 18.11 0.61
C GLU A 130 4.66 16.59 0.73
N ILE A 131 3.46 16.02 0.78
CA ILE A 131 3.29 14.61 1.03
C ILE A 131 3.55 13.80 -0.24
N MET A 132 3.05 14.28 -1.38
CA MET A 132 3.33 13.59 -2.63
C MET A 132 4.83 13.56 -2.86
N GLN A 133 5.49 14.66 -2.54
CA GLN A 133 6.92 14.74 -2.70
C GLN A 133 7.66 13.87 -1.69
N GLY A 134 7.05 13.67 -0.52
CA GLY A 134 7.63 12.80 0.50
C GLY A 134 7.49 11.35 0.14
N PHE A 135 6.40 11.02 -0.54
CA PHE A 135 6.15 9.69 -1.12
C PHE A 135 7.24 9.31 -2.12
N ILE A 136 7.56 10.23 -3.02
CA ILE A 136 8.61 10.01 -4.00
C ILE A 136 9.97 9.88 -3.32
N ARG A 137 10.24 10.77 -2.38
CA ARG A 137 11.48 10.71 -1.61
C ARG A 137 11.61 9.39 -0.84
N ALA A 138 10.49 8.81 -0.40
CA ALA A 138 10.48 7.58 0.38
C ALA A 138 11.05 6.40 -0.41
N PHE A 139 10.50 6.17 -1.61
CA PHE A 139 10.94 5.08 -2.45
C PHE A 139 12.23 5.39 -3.23
N ARG A 140 12.76 6.59 -3.06
CA ARG A 140 13.96 7.03 -3.78
C ARG A 140 15.27 6.38 -3.32
N PRO A 141 15.61 6.53 -2.02
CA PRO A 141 17.03 6.52 -1.62
C PRO A 141 17.77 5.19 -1.84
N LEU A 142 17.42 4.17 -1.08
CA LEU A 142 18.10 2.87 -1.17
C LEU A 142 17.51 2.03 -2.32
N PRO A 143 16.16 1.94 -2.45
CA PRO A 143 15.63 1.33 -3.68
C PRO A 143 16.02 2.18 -4.90
N ARG A 144 17.24 1.96 -5.38
CA ARG A 144 17.89 2.81 -6.38
C ARG A 144 17.85 2.19 -7.79
N HIS A 145 16.64 1.87 -8.22
CA HIS A 145 16.36 1.46 -9.60
C HIS A 145 15.43 2.52 -10.21
N LEU A 146 14.95 2.31 -11.43
CA LEU A 146 13.89 3.15 -11.96
C LEU A 146 12.61 2.81 -11.21
N TRP A 147 11.82 3.82 -10.88
CA TRP A 147 10.54 3.60 -10.24
C TRP A 147 9.43 4.18 -11.10
N TYR A 148 8.33 3.44 -11.16
CA TYR A 148 7.17 3.90 -11.87
C TYR A 148 6.17 4.39 -10.85
N LEU A 149 5.43 5.42 -11.24
CA LEU A 149 4.48 6.03 -10.37
C LEU A 149 3.19 6.21 -11.15
N LEU A 150 2.08 5.78 -10.58
CA LEU A 150 0.78 5.98 -11.17
C LEU A 150 0.05 7.02 -10.35
N ASP A 151 -0.28 8.16 -10.95
CA ASP A 151 -0.97 9.25 -10.26
C ASP A 151 -2.47 9.16 -10.57
N LEU A 152 -3.25 8.83 -9.54
CA LEU A 152 -4.65 8.43 -9.72
C LEU A 152 -5.57 9.63 -9.85
N LYS A 153 -6.79 9.38 -10.33
CA LYS A 153 -7.79 10.43 -10.44
C LYS A 153 -9.10 10.03 -9.75
N GLN A 154 -10.01 11.00 -9.61
CA GLN A 154 -11.21 10.84 -8.78
C GLN A 154 -12.33 10.13 -9.54
N MET A 155 -12.67 8.92 -9.08
CA MET A 155 -13.69 8.08 -9.70
C MET A 155 -13.48 7.90 -11.22
N GLU A 156 -12.21 7.86 -11.63
CA GLU A 156 -11.85 7.45 -12.98
C GLU A 156 -11.50 5.96 -12.93
N GLU A 157 -10.70 5.58 -11.94
CA GLU A 157 -10.42 4.18 -11.65
C GLU A 157 -11.73 3.50 -11.21
N PRO A 158 -12.11 2.38 -11.87
CA PRO A 158 -13.45 1.79 -11.65
C PRO A 158 -13.73 1.32 -10.22
N CYS A 159 -12.69 0.93 -9.49
CA CYS A 159 -12.84 0.33 -8.17
C CYS A 159 -11.83 0.91 -7.17
#